data_4LAQ
#
_entry.id   4LAQ
#
_cell.length_a   88.340
_cell.length_b   88.340
_cell.length_c   88.340
_cell.angle_alpha   90.00
_cell.angle_beta   90.00
_cell.angle_gamma   90.00
#
_symmetry.space_group_name_H-M   'P 21 3'
#
loop_
_entity.id
_entity.type
_entity.pdbx_description
1 polymer 'Single chain antibody fragment scFv6H4'
2 non-polymer 'SULFATE ION'
3 non-polymer D-MALATE
4 non-polymer 'NICKEL (II) ION'
5 water water
#
_entity_poly.entity_id   1
_entity_poly.type   'polypeptide(L)'
_entity_poly.pdbx_seq_one_letter_code
;EVQLQESGPSLVKPSQTLSLTCSVTGDSVTSGYWSWIRQFPGNKLDYMGYISYRGSTYYNPSLKSRISITRDTSKNQVYL
QLKSVSSEDTATYYCSYFDSDDYAMEYWGQGTSVTVSGGGGSGGGGSGGGGSQIVLTQSPAIMSASPGEKVTLTCSASSS
VSSSHLYWYQQKPGSSPKLWIYSTSNLASGVPARFSGSGSGTSYSLTISSMEAEDAASYFCHQWSSFPFTFGSGTKLEIK
RAPHHHHHH
;
_entity_poly.pdbx_strand_id   H
#
# COMPACT_ATOMS: atom_id res chain seq x y z
N GLN A 16 0.46 17.18 -22.56
CA GLN A 16 1.61 16.78 -21.67
C GLN A 16 1.33 15.45 -20.99
N THR A 17 2.08 14.42 -21.34
CA THR A 17 1.85 13.10 -20.78
C THR A 17 2.95 12.65 -19.81
N LEU A 18 2.56 11.85 -18.83
CA LEU A 18 3.47 11.30 -17.85
C LEU A 18 3.84 9.91 -18.34
N SER A 19 5.13 9.63 -18.40
CA SER A 19 5.56 8.34 -18.91
C SER A 19 6.60 7.74 -18.02
N LEU A 20 6.26 6.66 -17.34
CA LEU A 20 7.19 6.06 -16.40
C LEU A 20 7.44 4.61 -16.76
N THR A 21 8.61 4.11 -16.44
CA THR A 21 8.96 2.72 -16.65
C THR A 21 9.07 1.92 -15.35
N CYS A 22 8.97 0.60 -15.46
CA CYS A 22 8.97 -0.34 -14.34
C CYS A 22 9.73 -1.55 -14.83
N SER A 23 10.49 -2.20 -13.96
CA SER A 23 11.22 -3.40 -14.37
C SER A 23 11.60 -4.28 -13.19
N VAL A 24 10.63 -4.65 -12.38
CA VAL A 24 10.90 -5.36 -11.15
C VAL A 24 11.20 -6.80 -11.39
N THR A 25 10.49 -7.37 -12.32
CA THR A 25 10.61 -8.76 -12.66
C THR A 25 11.69 -8.93 -13.65
N GLY A 26 12.22 -10.12 -13.78
CA GLY A 26 13.30 -10.29 -14.70
C GLY A 26 12.81 -10.94 -15.95
N ASP A 27 13.67 -11.73 -16.56
CA ASP A 27 13.26 -12.58 -17.63
C ASP A 27 12.39 -13.50 -16.87
N SER A 28 12.32 -14.77 -17.22
CA SER A 28 11.50 -15.69 -16.46
C SER A 28 10.13 -15.13 -16.26
N VAL A 29 9.37 -15.67 -15.33
CA VAL A 29 8.05 -15.12 -15.15
C VAL A 29 7.06 -15.68 -16.15
N THR A 30 6.02 -16.34 -15.68
CA THR A 30 5.11 -16.96 -16.59
C THR A 30 3.72 -16.46 -16.41
N SER A 31 3.56 -15.36 -15.72
CA SER A 31 2.24 -14.80 -15.48
C SER A 31 2.38 -13.79 -14.41
N GLY A 32 1.27 -13.23 -13.98
CA GLY A 32 1.38 -12.39 -12.83
C GLY A 32 0.71 -11.11 -13.18
N TYR A 33 0.72 -10.15 -12.28
CA TYR A 33 0.03 -8.87 -12.51
C TYR A 33 0.88 -7.69 -12.07
N TRP A 34 1.35 -6.90 -13.05
CA TRP A 34 2.07 -5.67 -12.75
C TRP A 34 1.05 -4.56 -12.47
N SER A 35 1.11 -3.92 -11.30
CA SER A 35 0.15 -2.88 -10.97
C SER A 35 0.79 -1.58 -10.60
N TRP A 36 0.26 -0.48 -11.11
CA TRP A 36 0.76 0.85 -10.77
C TRP A 36 -0.06 1.46 -9.66
N ILE A 37 0.62 2.09 -8.71
CA ILE A 37 -0.04 2.66 -7.57
C ILE A 37 0.65 3.99 -7.26
N ARG A 38 -0.11 5.03 -7.01
CA ARG A 38 0.53 6.28 -6.66
C ARG A 38 0.19 6.69 -5.24
N GLN A 39 1.11 7.41 -4.63
CA GLN A 39 0.92 7.93 -3.29
C GLN A 39 1.05 9.44 -3.32
N PHE A 40 -0.04 10.10 -2.94
CA PHE A 40 -0.09 11.53 -2.96
C PHE A 40 0.61 12.10 -1.75
N PRO A 41 1.05 13.35 -1.82
CA PRO A 41 1.62 13.92 -0.60
C PRO A 41 0.41 14.01 0.33
N GLY A 42 0.59 13.61 1.56
CA GLY A 42 -0.55 13.46 2.44
C GLY A 42 -0.56 11.97 2.72
N ASN A 43 -0.06 11.22 1.74
CA ASN A 43 0.12 9.77 1.84
C ASN A 43 -1.07 8.94 1.47
N LYS A 44 -2.17 9.60 1.11
CA LYS A 44 -3.32 8.89 0.62
C LYS A 44 -2.83 8.04 -0.59
N LEU A 45 -2.93 6.71 -0.50
CA LEU A 45 -2.54 5.82 -1.61
C LEU A 45 -3.64 5.62 -2.63
N ASP A 46 -3.28 5.48 -3.89
CA ASP A 46 -4.27 5.40 -4.98
C ASP A 46 -3.93 4.22 -5.89
N TYR A 47 -4.91 3.39 -6.21
CA TYR A 47 -4.66 2.24 -7.10
C TYR A 47 -5.01 2.53 -8.55
N MET A 48 -4.00 2.67 -9.38
CA MET A 48 -4.21 3.09 -10.73
C MET A 48 -4.78 2.02 -11.66
N GLY A 49 -4.11 0.87 -11.70
CA GLY A 49 -4.53 -0.22 -12.54
C GLY A 49 -3.44 -1.26 -12.64
N TYR A 50 -3.66 -2.24 -13.50
CA TYR A 50 -2.71 -3.30 -13.69
C TYR A 50 -2.70 -3.77 -15.13
N ILE A 51 -1.66 -4.55 -15.43
CA ILE A 51 -1.55 -5.22 -16.71
C ILE A 51 -1.13 -6.66 -16.38
N SER A 52 -1.80 -7.65 -16.97
CA SER A 52 -1.48 -9.05 -16.73
C SER A 52 -0.48 -9.56 -17.77
N TYR A 53 0.11 -10.69 -17.47
CA TYR A 53 1.02 -11.29 -18.38
C TYR A 53 0.35 -11.58 -19.70
N ARG A 54 -0.84 -12.12 -19.72
CA ARG A 54 -1.34 -12.48 -21.02
C ARG A 54 -1.93 -11.32 -21.72
N GLY A 55 -1.63 -10.16 -21.20
CA GLY A 55 -1.86 -8.91 -21.94
C GLY A 55 -3.03 -8.05 -21.49
N SER A 56 -3.98 -8.65 -20.78
CA SER A 56 -5.19 -7.96 -20.33
C SER A 56 -4.89 -6.87 -19.29
N THR A 57 -5.61 -5.75 -19.37
CA THR A 57 -5.44 -4.65 -18.42
C THR A 57 -6.70 -4.24 -17.67
N TYR A 58 -6.50 -3.47 -16.63
CA TYR A 58 -7.61 -2.92 -15.85
C TYR A 58 -7.20 -1.54 -15.40
N TYR A 59 -8.04 -0.57 -15.66
CA TYR A 59 -7.73 0.79 -15.28
C TYR A 59 -8.74 1.24 -14.24
N ASN A 60 -8.26 1.98 -13.24
CA ASN A 60 -9.18 2.53 -12.25
C ASN A 60 -10.10 3.58 -12.92
N PRO A 61 -11.44 3.44 -12.74
CA PRO A 61 -12.41 4.35 -13.36
C PRO A 61 -12.14 5.84 -13.18
N SER A 62 -11.55 6.21 -12.08
CA SER A 62 -11.22 7.58 -11.87
C SER A 62 -10.44 8.13 -13.02
N LEU A 63 -9.94 7.28 -13.90
CA LEU A 63 -9.18 7.75 -15.06
C LEU A 63 -9.62 7.10 -16.37
N LYS A 64 -8.99 5.99 -16.71
CA LYS A 64 -9.44 5.20 -17.83
C LYS A 64 -9.31 5.95 -19.13
N SER A 65 -9.87 7.14 -19.15
CA SER A 65 -9.72 7.97 -20.35
C SER A 65 -8.27 8.47 -20.47
N ARG A 66 -7.59 8.68 -19.34
CA ARG A 66 -6.23 9.21 -19.34
C ARG A 66 -5.13 8.15 -19.27
N ILE A 67 -5.35 7.08 -18.51
CA ILE A 67 -4.27 6.12 -18.27
C ILE A 67 -4.11 5.02 -19.32
N SER A 68 -2.86 4.63 -19.53
CA SER A 68 -2.55 3.55 -20.44
C SER A 68 -1.33 2.75 -19.92
N ILE A 69 -1.56 1.51 -19.57
CA ILE A 69 -0.49 0.63 -19.09
C ILE A 69 -0.11 -0.32 -20.20
N THR A 70 1.19 -0.49 -20.39
CA THR A 70 1.68 -1.34 -21.45
C THR A 70 3.02 -1.97 -21.04
N ARG A 71 3.54 -2.87 -21.87
CA ARG A 71 4.81 -3.54 -21.58
C ARG A 71 5.58 -3.85 -22.86
N ASP A 72 6.88 -4.06 -22.74
CA ASP A 72 7.68 -4.43 -23.88
C ASP A 72 8.70 -5.49 -23.49
N THR A 73 8.37 -6.76 -23.79
CA THR A 73 9.22 -7.89 -23.44
C THR A 73 10.54 -7.81 -24.18
N SER A 74 10.56 -6.95 -25.19
CA SER A 74 11.75 -6.69 -25.98
C SER A 74 12.78 -5.96 -25.12
N LYS A 75 12.32 -4.93 -24.39
CA LYS A 75 13.17 -4.16 -23.50
C LYS A 75 13.01 -4.67 -22.05
N ASN A 76 12.03 -5.52 -21.84
CA ASN A 76 11.69 -6.00 -20.52
C ASN A 76 11.41 -4.85 -19.60
N GLN A 77 10.46 -4.04 -19.99
CA GLN A 77 10.04 -2.91 -19.21
C GLN A 77 8.54 -2.79 -19.30
N VAL A 78 7.91 -2.36 -18.20
CA VAL A 78 6.45 -2.12 -18.13
C VAL A 78 6.21 -0.63 -18.02
N TYR A 79 5.29 -0.11 -18.81
CA TYR A 79 5.13 1.33 -18.84
C TYR A 79 3.82 1.85 -18.30
N LEU A 80 3.88 3.10 -17.82
CA LEU A 80 2.69 3.84 -17.35
C LEU A 80 2.62 5.17 -18.11
N GLN A 81 1.57 5.34 -18.87
CA GLN A 81 1.35 6.56 -19.60
C GLN A 81 0.07 7.17 -19.05
N LEU A 82 0.20 8.35 -18.46
CA LEU A 82 -0.92 9.03 -17.84
C LEU A 82 -1.15 10.34 -18.60
N LYS A 83 -1.96 10.28 -19.66
CA LYS A 83 -2.19 11.45 -20.49
C LYS A 83 -2.89 12.60 -19.74
N SER A 84 -2.71 13.81 -20.27
CA SER A 84 -3.34 15.02 -19.72
C SER A 84 -3.07 15.23 -18.25
N VAL A 85 -1.79 15.22 -17.87
CA VAL A 85 -1.41 15.42 -16.47
C VAL A 85 -1.73 16.85 -16.04
N SER A 86 -1.67 17.10 -14.73
CA SER A 86 -1.88 18.43 -14.13
C SER A 86 -1.39 18.31 -12.72
N SER A 87 -1.10 19.42 -12.06
CA SER A 87 -0.56 19.38 -10.70
C SER A 87 -1.21 18.35 -9.78
N GLU A 88 -2.39 17.88 -10.15
CA GLU A 88 -3.14 16.92 -9.34
C GLU A 88 -2.50 15.54 -9.28
N ASP A 89 -1.71 15.22 -10.28
CA ASP A 89 -1.06 13.93 -10.41
C ASP A 89 0.32 13.90 -9.79
N THR A 90 0.71 15.00 -9.15
CA THR A 90 1.93 15.02 -8.40
C THR A 90 1.79 13.95 -7.31
N ALA A 91 2.68 12.96 -7.31
CA ALA A 91 2.65 11.92 -6.31
C ALA A 91 3.90 11.11 -6.53
N THR A 92 4.08 10.03 -5.78
CA THR A 92 5.22 9.14 -6.03
C THR A 92 4.61 7.85 -6.58
N TYR A 93 5.16 7.36 -7.68
CA TYR A 93 4.57 6.20 -8.35
C TYR A 93 5.27 4.86 -8.11
N TYR A 94 4.47 3.86 -7.75
CA TYR A 94 5.03 2.54 -7.54
C TYR A 94 4.52 1.52 -8.51
N CYS A 95 5.33 0.51 -8.75
CA CYS A 95 5.00 -0.55 -9.64
C CYS A 95 5.21 -1.80 -8.84
N SER A 96 4.12 -2.52 -8.63
CA SER A 96 4.09 -3.73 -7.84
C SER A 96 3.88 -4.91 -8.71
N TYR A 97 4.52 -6.02 -8.37
CA TYR A 97 4.27 -7.25 -9.09
C TYR A 97 3.58 -8.24 -8.18
N PHE A 98 2.53 -8.90 -8.69
CA PHE A 98 1.76 -9.86 -7.90
C PHE A 98 1.52 -11.15 -8.68
N ASP A 99 2.02 -12.32 -8.02
CA ASP A 99 1.69 -13.58 -8.61
C ASP A 99 1.19 -14.53 -7.55
N SER A 100 0.58 -15.64 -7.97
CA SER A 100 0.13 -16.68 -7.04
C SER A 100 -0.32 -18.01 -7.67
N ASP A 101 -0.16 -19.09 -6.92
CA ASP A 101 -0.92 -20.32 -7.15
C ASP A 101 -1.70 -20.55 -5.84
N ASP A 102 -0.98 -21.15 -4.90
CA ASP A 102 -1.28 -21.04 -3.50
C ASP A 102 -0.24 -20.18 -2.89
N TYR A 103 1.02 -20.41 -3.28
CA TYR A 103 2.11 -19.53 -2.93
C TYR A 103 1.90 -18.22 -3.67
N ALA A 104 2.06 -17.12 -2.98
CA ALA A 104 1.78 -15.84 -3.57
C ALA A 104 2.92 -14.90 -3.39
N MET A 105 3.53 -14.50 -4.50
CA MET A 105 4.63 -13.56 -4.51
C MET A 105 4.13 -12.14 -4.69
N GLU A 106 4.77 -11.08 -3.85
CA GLU A 106 4.43 -9.72 -4.14
C GLU A 106 5.63 -8.87 -3.88
N TYR A 107 6.10 -8.19 -4.93
CA TYR A 107 7.22 -7.26 -4.75
C TYR A 107 6.94 -5.90 -5.29
N TRP A 108 7.41 -4.91 -4.56
CA TRP A 108 7.26 -3.53 -4.97
C TRP A 108 8.56 -2.94 -5.43
N GLY A 109 8.43 -2.15 -6.48
CA GLY A 109 9.44 -1.29 -7.09
C GLY A 109 9.88 -0.23 -6.08
N GLN A 110 10.93 0.50 -6.43
CA GLN A 110 11.07 1.84 -5.84
C GLN A 110 10.13 2.87 -6.36
N GLY A 111 9.97 3.92 -5.59
CA GLY A 111 8.98 4.91 -5.91
C GLY A 111 9.61 6.04 -6.65
N THR A 112 9.10 6.36 -7.82
CA THR A 112 9.66 7.49 -8.50
C THR A 112 8.74 8.69 -8.21
N SER A 113 9.33 9.77 -7.72
CA SER A 113 8.57 10.94 -7.33
C SER A 113 8.36 11.91 -8.46
N VAL A 114 7.11 12.29 -8.67
CA VAL A 114 6.73 13.09 -9.81
C VAL A 114 6.07 14.35 -9.38
N THR A 115 6.47 15.44 -9.98
CA THR A 115 5.85 16.68 -9.64
C THR A 115 5.59 17.52 -10.87
N VAL A 116 4.32 17.87 -11.02
CA VAL A 116 3.82 18.60 -12.16
C VAL A 116 3.19 19.91 -11.72
N SER A 117 3.23 20.89 -12.59
CA SER A 117 2.80 22.23 -12.24
C SER A 117 1.79 22.82 -13.19
N GLY A 118 0.78 23.43 -12.60
CA GLY A 118 -0.33 24.02 -13.29
C GLY A 118 -1.19 24.51 -12.15
N GLY A 119 -0.53 25.22 -11.24
CA GLY A 119 -1.14 25.65 -10.01
C GLY A 119 -0.43 24.94 -8.90
N SER A 132 -17.70 5.37 -7.16
CA SER A 132 -17.78 4.81 -5.80
C SER A 132 -17.14 3.43 -5.67
N GLN A 133 -16.62 3.14 -4.47
CA GLN A 133 -15.90 1.91 -4.15
C GLN A 133 -15.90 1.71 -2.63
N ILE A 134 -15.15 0.71 -2.16
CA ILE A 134 -15.08 0.45 -0.75
C ILE A 134 -14.06 1.39 -0.14
N VAL A 135 -14.52 2.47 0.47
CA VAL A 135 -13.58 3.42 1.05
C VAL A 135 -13.15 2.90 2.40
N LEU A 136 -11.84 2.77 2.57
CA LEU A 136 -11.27 2.28 3.80
C LEU A 136 -10.90 3.44 4.71
N THR A 137 -11.42 3.41 5.95
CA THR A 137 -11.19 4.50 6.92
C THR A 137 -10.24 4.09 8.02
N GLN A 138 -9.03 4.61 7.93
CA GLN A 138 -8.00 4.37 8.93
C GLN A 138 -8.28 5.30 10.12
N SER A 139 -8.02 4.80 11.32
CA SER A 139 -8.21 5.60 12.51
C SER A 139 -7.39 5.05 13.67
N PRO A 140 -6.71 5.96 14.42
CA PRO A 140 -6.71 7.41 14.15
C PRO A 140 -5.62 7.77 13.15
N ALA A 141 -5.52 9.03 12.76
CA ALA A 141 -4.54 9.38 11.77
C ALA A 141 -3.13 9.42 12.28
N ILE A 142 -2.92 9.01 13.52
CA ILE A 142 -1.63 9.22 14.14
C ILE A 142 -1.67 8.86 15.60
N MET A 143 -1.25 7.66 15.91
CA MET A 143 -1.32 7.13 17.24
C MET A 143 -0.03 7.34 17.96
N SER A 144 -0.12 7.87 19.17
CA SER A 144 1.04 8.14 19.98
C SER A 144 1.15 7.09 21.05
N ALA A 145 2.26 6.38 21.01
CA ALA A 145 2.53 5.23 21.87
C ALA A 145 3.94 5.32 22.52
N SER A 146 4.03 5.20 23.88
CA SER A 146 5.32 4.58 24.47
C SER A 146 5.67 3.06 24.49
N PRO A 147 6.98 2.72 24.37
CA PRO A 147 7.47 1.33 24.30
C PRO A 147 6.70 0.33 25.18
N GLY A 148 6.73 -0.94 24.81
CA GLY A 148 6.05 -1.98 25.56
C GLY A 148 4.53 -1.86 25.66
N GLU A 149 3.98 -0.69 25.32
CA GLU A 149 2.53 -0.50 25.32
C GLU A 149 1.79 -1.33 24.27
N LYS A 150 0.57 -1.71 24.65
CA LYS A 150 -0.34 -2.42 23.78
C LYS A 150 -0.85 -1.34 22.81
N VAL A 151 -0.83 -1.64 21.52
CA VAL A 151 -1.33 -0.71 20.49
C VAL A 151 -2.42 -1.35 19.62
N THR A 152 -3.43 -0.55 19.26
CA THR A 152 -4.56 -1.03 18.46
C THR A 152 -5.04 -0.02 17.42
N LEU A 153 -4.87 -0.38 16.15
CA LEU A 153 -5.30 0.47 15.02
C LEU A 153 -6.54 -0.09 14.33
N THR A 154 -7.48 0.78 13.96
CA THR A 154 -8.70 0.32 13.30
C THR A 154 -8.91 0.83 11.87
N CYS A 155 -9.49 -0.04 11.04
CA CYS A 155 -9.79 0.26 9.63
C CYS A 155 -11.25 -0.05 9.39
N SER A 156 -12.02 0.98 9.03
CA SER A 156 -13.45 0.81 8.77
C SER A 156 -13.80 0.87 7.26
N ALA A 157 -14.33 -0.24 6.75
CA ALA A 157 -14.68 -0.33 5.33
C ALA A 157 -16.08 0.17 5.09
N SER A 158 -16.24 1.04 4.09
CA SER A 158 -17.55 1.58 3.77
C SER A 158 -18.52 0.49 3.34
N SER A 159 -18.06 -0.75 3.24
CA SER A 159 -18.95 -1.90 2.93
C SER A 159 -18.25 -3.19 3.32
N SER A 160 -18.87 -4.33 3.02
CA SER A 160 -18.28 -5.63 3.34
C SER A 160 -17.13 -5.99 2.43
N VAL A 161 -16.07 -6.54 3.02
CA VAL A 161 -14.91 -6.96 2.24
C VAL A 161 -14.49 -8.37 2.58
N SER A 162 -14.31 -9.22 1.57
CA SER A 162 -13.76 -10.56 1.79
C SER A 162 -12.54 -10.53 2.72
N SER A 163 -12.61 -11.29 3.81
CA SER A 163 -11.54 -11.33 4.82
C SER A 163 -10.21 -11.92 4.36
N SER A 164 -10.14 -12.48 3.15
CA SER A 164 -8.87 -12.99 2.66
C SER A 164 -8.33 -12.06 1.59
N HIS A 165 -8.97 -10.90 1.41
CA HIS A 165 -8.54 -9.86 0.48
C HIS A 165 -8.37 -8.55 1.22
N LEU A 166 -8.23 -8.64 2.54
CA LEU A 166 -7.90 -7.49 3.36
C LEU A 166 -6.41 -7.62 3.73
N TYR A 167 -5.63 -6.59 3.41
CA TYR A 167 -4.17 -6.59 3.66
C TYR A 167 -3.72 -5.37 4.46
N TRP A 168 -2.58 -5.50 5.14
CA TRP A 168 -1.94 -4.40 5.88
C TRP A 168 -0.51 -4.19 5.40
N TYR A 169 -0.17 -2.93 5.11
CA TYR A 169 1.16 -2.55 4.63
C TYR A 169 1.84 -1.60 5.60
N GLN A 170 3.15 -1.81 5.78
CA GLN A 170 3.90 -0.94 6.64
C GLN A 170 4.80 -0.10 5.75
N GLN A 171 4.89 1.18 6.04
CA GLN A 171 5.77 2.03 5.29
C GLN A 171 6.51 2.96 6.20
N LYS A 172 7.83 2.90 6.10
CA LYS A 172 8.72 3.74 6.87
C LYS A 172 9.07 4.90 5.96
N PRO A 173 9.15 6.13 6.50
CA PRO A 173 9.50 7.29 5.67
C PRO A 173 10.66 7.00 4.69
N GLY A 174 10.43 7.21 3.37
CA GLY A 174 11.44 6.95 2.36
C GLY A 174 11.35 5.58 1.66
N SER A 175 10.73 4.60 2.32
CA SER A 175 10.65 3.25 1.79
C SER A 175 9.34 3.08 1.05
N SER A 176 9.26 2.04 0.25
CA SER A 176 8.02 1.64 -0.40
C SER A 176 7.24 0.64 0.50
N PRO A 177 5.88 0.64 0.42
CA PRO A 177 5.08 -0.25 1.26
C PRO A 177 5.56 -1.69 1.33
N LYS A 178 5.59 -2.22 2.55
CA LYS A 178 5.96 -3.61 2.80
C LYS A 178 4.74 -4.37 3.25
N LEU A 179 4.47 -5.46 2.58
CA LEU A 179 3.33 -6.27 2.97
C LEU A 179 3.57 -6.80 4.37
N TRP A 180 2.85 -6.27 5.35
CA TRP A 180 3.01 -6.72 6.71
C TRP A 180 2.05 -7.92 7.08
N ILE A 181 0.75 -7.73 6.92
CA ILE A 181 -0.23 -8.78 7.20
C ILE A 181 -1.13 -9.04 6.02
N TYR A 182 -1.31 -10.30 5.68
CA TYR A 182 -2.20 -10.61 4.55
C TYR A 182 -3.34 -11.47 5.05
N SER A 183 -4.48 -11.36 4.37
CA SER A 183 -5.71 -12.11 4.73
C SER A 183 -6.09 -11.88 6.18
N THR A 184 -6.22 -10.60 6.52
CA THR A 184 -6.67 -10.11 7.81
C THR A 184 -5.78 -10.39 8.99
N SER A 185 -5.41 -11.66 9.18
CA SER A 185 -4.65 -12.06 10.35
C SER A 185 -3.36 -12.82 10.15
N ASN A 186 -2.93 -13.03 8.89
CA ASN A 186 -1.68 -13.77 8.62
C ASN A 186 -0.44 -12.88 8.46
N LEU A 187 0.54 -13.13 9.31
CA LEU A 187 1.77 -12.34 9.35
C LEU A 187 2.78 -12.74 8.33
N ALA A 188 3.23 -11.77 7.52
CA ALA A 188 4.26 -12.05 6.53
C ALA A 188 5.41 -12.71 7.29
N SER A 189 6.16 -13.59 6.63
CA SER A 189 7.27 -14.23 7.33
C SER A 189 8.16 -13.14 7.89
N GLY A 190 8.62 -13.28 9.13
CA GLY A 190 9.52 -12.30 9.72
C GLY A 190 8.87 -11.18 10.52
N VAL A 191 7.58 -10.96 10.30
CA VAL A 191 6.87 -9.99 11.13
C VAL A 191 6.98 -10.48 12.57
N PRO A 192 7.53 -9.65 13.47
CA PRO A 192 7.71 -10.08 14.87
C PRO A 192 6.37 -10.46 15.55
N ALA A 193 6.39 -11.57 16.28
CA ALA A 193 5.22 -12.12 16.98
C ALA A 193 4.25 -11.14 17.69
N ARG A 194 4.78 -10.03 18.20
CA ARG A 194 3.95 -9.03 18.92
C ARG A 194 2.78 -8.47 18.07
N PHE A 195 2.79 -8.71 16.76
CA PHE A 195 1.71 -8.26 15.86
C PHE A 195 0.59 -9.30 15.68
N SER A 196 -0.64 -8.81 15.53
CA SER A 196 -1.82 -9.63 15.13
C SER A 196 -2.83 -8.81 14.33
N GLY A 197 -3.69 -9.51 13.57
CA GLY A 197 -4.71 -8.84 12.77
C GLY A 197 -6.10 -9.41 12.94
N SER A 198 -7.00 -8.58 13.48
CA SER A 198 -8.40 -8.95 13.76
C SER A 198 -9.36 -8.41 12.67
N GLY A 199 -10.55 -8.98 12.60
CA GLY A 199 -11.59 -8.41 11.72
C GLY A 199 -12.47 -9.34 10.90
N SER A 200 -13.47 -8.75 10.27
CA SER A 200 -14.35 -9.40 9.34
C SER A 200 -15.46 -8.43 8.95
N GLY A 201 -15.96 -8.59 7.75
CA GLY A 201 -16.98 -7.70 7.28
C GLY A 201 -16.42 -6.32 7.24
N THR A 202 -17.03 -5.38 7.94
CA THR A 202 -16.73 -3.98 7.75
C THR A 202 -15.77 -3.37 8.71
N SER A 203 -15.37 -4.10 9.72
CA SER A 203 -14.43 -3.58 10.67
C SER A 203 -13.30 -4.55 10.89
N TYR A 204 -12.10 -4.03 10.63
CA TYR A 204 -10.82 -4.75 10.75
C TYR A 204 -9.87 -3.97 11.61
N SER A 205 -8.89 -4.65 12.19
CA SER A 205 -7.89 -3.98 13.01
C SER A 205 -6.53 -4.70 13.07
N LEU A 206 -5.49 -3.93 13.40
CA LEU A 206 -4.13 -4.45 13.57
C LEU A 206 -3.67 -4.04 14.96
N THR A 207 -2.97 -4.95 15.68
CA THR A 207 -2.45 -4.62 17.02
C THR A 207 -1.03 -5.09 17.27
N ILE A 208 -0.34 -4.37 18.15
CA ILE A 208 1.00 -4.74 18.56
C ILE A 208 0.98 -4.99 20.07
N SER A 209 1.38 -6.18 20.46
CA SER A 209 1.39 -6.60 21.84
C SER A 209 2.14 -5.62 22.71
N SER A 210 3.02 -4.83 22.10
CA SER A 210 3.86 -3.93 22.85
C SER A 210 4.93 -3.25 22.02
N MET A 211 4.74 -1.96 21.82
CA MET A 211 5.57 -1.17 20.94
C MET A 211 6.95 -1.73 20.80
N GLU A 212 7.81 -0.92 20.23
CA GLU A 212 9.19 -1.28 20.05
C GLU A 212 9.90 -0.33 19.13
N ALA A 213 9.33 0.83 18.90
CA ALA A 213 10.04 1.87 18.18
C ALA A 213 10.48 1.45 16.80
N GLU A 214 10.74 0.18 16.59
CA GLU A 214 11.00 -0.30 15.26
C GLU A 214 9.64 -0.42 14.61
N ASP A 215 8.61 -0.11 15.37
CA ASP A 215 7.28 -0.14 14.82
C ASP A 215 6.79 1.22 14.50
N ALA A 216 7.66 2.18 14.59
CA ALA A 216 7.32 3.54 14.29
C ALA A 216 7.31 3.63 12.76
N ALA A 217 6.11 3.53 12.20
CA ALA A 217 5.94 3.60 10.75
C ALA A 217 4.53 4.03 10.44
N SER A 218 4.13 3.79 9.21
CA SER A 218 2.74 4.04 8.84
C SER A 218 2.14 2.74 8.40
N TYR A 219 0.89 2.56 8.80
CA TYR A 219 0.20 1.35 8.50
C TYR A 219 -1.05 1.68 7.71
N PHE A 220 -1.14 1.10 6.50
CA PHE A 220 -2.26 1.29 5.59
C PHE A 220 -2.95 -0.04 5.43
N CYS A 221 -4.29 -0.05 5.54
CA CYS A 221 -5.05 -1.27 5.27
C CYS A 221 -5.37 -1.24 3.80
N HIS A 222 -5.47 -2.43 3.21
CA HIS A 222 -5.69 -2.54 1.80
C HIS A 222 -6.76 -3.58 1.54
N GLN A 223 -7.61 -3.30 0.54
CA GLN A 223 -8.70 -4.21 0.16
C GLN A 223 -8.67 -4.43 -1.33
N TRP A 224 -8.65 -5.69 -1.73
CA TRP A 224 -8.67 -5.99 -3.13
C TRP A 224 -9.73 -7.04 -3.53
N SER A 225 -10.81 -7.18 -2.74
CA SER A 225 -11.91 -8.12 -3.10
C SER A 225 -12.94 -7.45 -4.02
N SER A 226 -13.07 -6.13 -3.90
CA SER A 226 -13.96 -5.35 -4.73
C SER A 226 -13.22 -4.40 -5.65
N PHE A 227 -13.48 -4.48 -6.95
CA PHE A 227 -12.94 -3.54 -7.92
C PHE A 227 -13.71 -2.23 -7.81
N PRO A 228 -12.99 -1.08 -7.87
CA PRO A 228 -11.52 -0.97 -7.91
C PRO A 228 -10.90 -1.14 -6.50
N PHE A 229 -9.68 -1.63 -6.45
CA PHE A 229 -8.97 -1.89 -5.18
C PHE A 229 -8.60 -0.60 -4.45
N THR A 230 -8.73 -0.61 -3.13
CA THR A 230 -8.48 0.59 -2.39
C THR A 230 -7.54 0.44 -1.21
N PHE A 231 -7.01 1.57 -0.75
CA PHE A 231 -6.11 1.65 0.39
C PHE A 231 -6.69 2.61 1.42
N GLY A 232 -6.39 2.39 2.69
CA GLY A 232 -6.74 3.37 3.69
C GLY A 232 -5.87 4.63 3.57
N SER A 233 -6.32 5.67 4.25
CA SER A 233 -5.60 6.94 4.29
C SER A 233 -4.22 6.80 4.97
N GLY A 234 -4.12 5.94 5.96
CA GLY A 234 -2.84 5.84 6.67
C GLY A 234 -3.11 6.04 8.20
N THR A 235 -2.49 5.18 9.02
CA THR A 235 -2.06 5.69 10.34
C THR A 235 -0.56 5.78 10.62
N LYS A 236 -0.10 7.00 10.93
CA LYS A 236 1.30 7.20 11.31
C LYS A 236 1.50 6.77 12.76
N LEU A 237 2.32 5.75 12.97
CA LEU A 237 2.56 5.23 14.29
C LEU A 237 3.97 5.61 14.73
N GLU A 238 4.03 6.20 15.91
CA GLU A 238 5.28 6.68 16.48
C GLU A 238 5.22 6.69 17.99
N ILE A 239 6.31 6.30 18.62
CA ILE A 239 6.36 6.19 20.07
C ILE A 239 6.98 7.38 20.75
N LYS A 240 6.47 7.68 21.93
CA LYS A 240 7.09 8.65 22.81
C LYS A 240 8.40 8.05 23.28
N ARG A 241 9.00 8.58 24.33
CA ARG A 241 10.35 8.19 24.71
C ARG A 241 10.38 7.26 25.89
N ALA A 242 9.30 7.35 26.65
CA ALA A 242 9.20 6.67 27.92
C ALA A 242 9.47 7.71 28.91
N PRO A 243 9.01 7.50 30.13
CA PRO A 243 9.30 8.43 31.20
C PRO A 243 10.77 8.49 31.62
N HIS A 244 11.08 9.56 32.32
CA HIS A 244 12.40 9.74 32.88
C HIS A 244 12.14 10.55 34.13
N HIS A 245 13.03 10.58 35.06
CA HIS A 245 12.85 11.37 36.26
C HIS A 245 14.17 11.99 36.59
N HIS A 246 14.19 12.77 37.65
CA HIS A 246 15.39 13.46 38.04
C HIS A 246 15.64 13.39 39.54
N HIS A 247 15.03 12.45 40.22
CA HIS A 247 15.29 12.29 41.63
C HIS A 247 16.68 11.75 41.69
N HIS A 248 17.66 12.61 41.80
CA HIS A 248 19.02 12.17 41.90
C HIS A 248 19.23 11.54 43.25
N HIS A 249 18.77 12.24 44.28
CA HIS A 249 18.28 13.61 44.13
C HIS A 249 18.80 14.46 45.27
#